data_5X0J
#
_entry.id   5X0J
#
_cell.length_a   35.824
_cell.length_b   43.400
_cell.length_c   157.545
_cell.angle_alpha   90.00
_cell.angle_beta   90.00
_cell.angle_gamma   90.00
#
_symmetry.space_group_name_H-M   'P 21 21 21'
#
loop_
_entity.id
_entity.type
_entity.pdbx_description
1 polymer 'Free serine kinase'
2 non-polymer 'ADENOSINE MONOPHOSPHATE'
3 non-polymer PHOSPHOSERINE
4 non-polymer 'MAGNESIUM ION'
5 water water
#
_entity_poly.entity_id   1
_entity_poly.type   'polypeptide(L)'
_entity_poly.pdbx_seq_one_letter_code
;MGVEKVPKYDIPTKKVDYVFIELDKMKPHQQLVQKELEAFIESVTGSGIFWKPMLLAKVPGEDMYLIVDGHHRWAGLQKL
GAKRAPSVILDYFSDDVKVYTWYPAFKGDLNEVVERLKKEGLEVIEDPEAEEKAERGEIAFALVGEKSFAIPGGLEEQKK
VSKVLDEMSVEGKIELIYYGLKEDAREDMAKGEIDYVFIRKAPTKEEVMELVKRGEVYSPKTTRHVLPFNPDKIDVKLEE
LF
;
_entity_poly.pdbx_strand_id   A
#
loop_
_chem_comp.id
_chem_comp.type
_chem_comp.name
_chem_comp.formula
AMP non-polymer 'ADENOSINE MONOPHOSPHATE' 'C10 H14 N5 O7 P'
MG non-polymer 'MAGNESIUM ION' 'Mg 2'
#
# COMPACT_ATOMS: atom_id res chain seq x y z
N GLY A 2 -11.12 -0.45 -4.33
CA GLY A 2 -10.23 -0.29 -3.15
C GLY A 2 -9.76 1.14 -3.00
N VAL A 3 -8.74 1.34 -2.18
CA VAL A 3 -8.26 2.69 -1.85
C VAL A 3 -7.30 3.27 -2.88
N GLU A 4 -6.78 2.48 -3.81
CA GLU A 4 -5.78 2.98 -4.76
C GLU A 4 -6.40 3.57 -6.01
N LYS A 5 -5.83 4.69 -6.47
CA LYS A 5 -6.19 5.27 -7.76
C LYS A 5 -5.79 4.31 -8.86
N VAL A 6 -6.70 4.06 -9.80
CA VAL A 6 -6.39 3.21 -10.95
CA VAL A 6 -6.36 3.21 -10.94
C VAL A 6 -5.34 3.93 -11.82
N PRO A 7 -4.34 3.19 -12.34
CA PRO A 7 -3.35 3.85 -13.21
C PRO A 7 -3.98 4.49 -14.46
N LYS A 8 -3.44 5.62 -14.90
CA LYS A 8 -3.90 6.28 -16.11
C LYS A 8 -3.61 5.45 -17.37
N TYR A 9 -2.43 4.82 -17.42
CA TYR A 9 -2.07 3.87 -18.49
C TYR A 9 -2.09 2.43 -17.99
N ASP A 10 -2.78 1.56 -18.72
CA ASP A 10 -2.87 0.13 -18.41
CA ASP A 10 -2.88 0.14 -18.42
C ASP A 10 -1.72 -0.60 -19.09
N ILE A 11 -0.79 -1.11 -18.27
CA ILE A 11 0.36 -1.87 -18.80
C ILE A 11 -0.09 -3.23 -19.34
N PRO A 12 0.75 -3.93 -20.12
CA PRO A 12 0.31 -5.21 -20.67
C PRO A 12 -0.08 -6.23 -19.62
N THR A 13 -0.98 -7.12 -19.98
CA THR A 13 -1.29 -8.27 -19.14
C THR A 13 -0.55 -9.50 -19.64
N LYS A 14 -0.35 -10.46 -18.75
CA LYS A 14 0.27 -11.74 -19.08
C LYS A 14 -0.43 -12.83 -18.29
N LYS A 15 -0.74 -13.95 -18.95
CA LYS A 15 -1.44 -15.08 -18.33
C LYS A 15 -0.44 -15.98 -17.58
N VAL A 16 0.05 -15.46 -16.44
CA VAL A 16 1.16 -16.10 -15.72
CA VAL A 16 1.16 -16.07 -15.69
C VAL A 16 0.74 -17.27 -14.83
N ASP A 17 -0.55 -17.50 -14.68
CA ASP A 17 -1.04 -18.60 -13.84
C ASP A 17 -0.54 -18.45 -12.39
N TYR A 18 -1.11 -19.25 -11.50
CA TYR A 18 -0.85 -19.11 -10.09
C TYR A 18 -0.46 -20.44 -9.51
N VAL A 19 0.10 -20.38 -8.31
CA VAL A 19 0.29 -21.55 -7.48
C VAL A 19 -0.24 -21.21 -6.10
N PHE A 20 -0.94 -22.15 -5.47
CA PHE A 20 -1.40 -21.96 -4.11
C PHE A 20 -0.21 -21.97 -3.17
N ILE A 21 -0.14 -20.97 -2.29
CA ILE A 21 0.87 -20.91 -1.23
C ILE A 21 0.13 -20.68 0.08
N GLU A 22 0.58 -21.36 1.13
CA GLU A 22 -0.05 -21.23 2.43
C GLU A 22 0.16 -19.84 3.02
N LEU A 23 -0.91 -19.27 3.56
CA LEU A 23 -0.88 -17.91 4.14
C LEU A 23 0.16 -17.82 5.28
N ASP A 24 0.35 -18.90 6.04
N ASP A 24 0.32 -18.91 6.04
CA ASP A 24 1.33 -18.88 7.13
CA ASP A 24 1.32 -19.02 7.10
C ASP A 24 2.79 -18.96 6.68
C ASP A 24 2.78 -18.88 6.65
N LYS A 25 3.04 -19.11 5.36
CA LYS A 25 4.39 -19.00 4.81
CA LYS A 25 4.40 -19.00 4.83
C LYS A 25 4.68 -17.61 4.25
N MET A 26 3.75 -16.67 4.45
CA MET A 26 3.87 -15.32 3.87
C MET A 26 4.19 -14.30 4.95
N LYS A 27 5.13 -13.41 4.64
N LYS A 27 5.22 -13.49 4.70
CA LYS A 27 5.66 -12.46 5.61
CA LYS A 27 5.67 -12.45 5.63
C LYS A 27 5.32 -11.04 5.16
C LYS A 27 5.21 -11.08 5.12
N PRO A 28 4.50 -10.32 5.95
CA PRO A 28 4.19 -8.93 5.58
C PRO A 28 5.41 -8.01 5.77
N HIS A 29 5.51 -6.99 4.93
CA HIS A 29 6.46 -5.90 5.13
C HIS A 29 5.87 -4.53 5.41
N GLN A 30 4.55 -4.43 5.51
CA GLN A 30 3.93 -3.13 5.80
C GLN A 30 2.55 -3.29 6.44
N GLN A 31 2.08 -2.20 7.04
CA GLN A 31 0.79 -2.12 7.72
C GLN A 31 -0.39 -2.02 6.75
N LEU A 32 -1.60 -2.12 7.32
CA LEU A 32 -2.86 -2.13 6.58
C LEU A 32 -3.62 -0.82 6.69
N VAL A 33 -4.45 -0.55 5.69
CA VAL A 33 -5.47 0.50 5.65
C VAL A 33 -6.81 -0.20 5.84
N GLN A 34 -7.57 0.23 6.85
CA GLN A 34 -8.81 -0.45 7.22
CA GLN A 34 -8.82 -0.45 7.23
C GLN A 34 -9.81 -0.55 6.07
N LYS A 35 -10.02 0.54 5.35
CA LYS A 35 -10.99 0.50 4.23
C LYS A 35 -10.57 -0.43 3.10
N GLU A 36 -9.27 -0.61 2.90
CA GLU A 36 -8.76 -1.55 1.89
C GLU A 36 -9.03 -3.00 2.32
N LEU A 37 -8.78 -3.29 3.59
CA LEU A 37 -9.07 -4.62 4.16
C LEU A 37 -10.56 -4.94 4.07
N GLU A 38 -11.39 -4.01 4.50
N GLU A 38 -11.38 -4.00 4.52
CA GLU A 38 -12.85 -4.19 4.49
CA GLU A 38 -12.84 -4.09 4.51
C GLU A 38 -13.35 -4.42 3.07
C GLU A 38 -13.40 -4.34 3.11
N ALA A 39 -12.90 -3.62 2.12
CA ALA A 39 -13.36 -3.74 0.73
C ALA A 39 -12.98 -5.09 0.14
N PHE A 40 -11.77 -5.55 0.42
CA PHE A 40 -11.38 -6.87 -0.03
C PHE A 40 -12.29 -7.96 0.56
N ILE A 41 -12.51 -7.91 1.88
CA ILE A 41 -13.31 -8.94 2.54
C ILE A 41 -14.73 -8.99 2.00
N GLU A 42 -15.35 -7.83 1.84
CA GLU A 42 -16.71 -7.78 1.29
C GLU A 42 -16.77 -8.22 -0.18
N SER A 43 -15.78 -7.83 -0.97
CA SER A 43 -15.71 -8.25 -2.37
C SER A 43 -15.57 -9.76 -2.51
N VAL A 44 -14.62 -10.37 -1.79
CA VAL A 44 -14.35 -11.80 -1.98
C VAL A 44 -15.50 -12.65 -1.44
N THR A 45 -16.06 -12.25 -0.29
CA THR A 45 -17.17 -13.01 0.30
C THR A 45 -18.46 -12.80 -0.48
N GLY A 46 -18.72 -11.59 -0.94
CA GLY A 46 -19.94 -11.28 -1.71
C GLY A 46 -19.94 -11.90 -3.09
N SER A 47 -18.80 -11.80 -3.77
CA SER A 47 -18.69 -12.32 -5.13
C SER A 47 -18.42 -13.82 -5.19
N GLY A 48 -17.73 -14.36 -4.17
CA GLY A 48 -17.34 -15.76 -4.15
C GLY A 48 -16.11 -16.10 -5.00
N ILE A 49 -15.48 -15.08 -5.60
CA ILE A 49 -14.37 -15.29 -6.55
C ILE A 49 -13.17 -14.47 -6.09
N PHE A 50 -12.01 -15.12 -6.10
CA PHE A 50 -10.72 -14.48 -5.83
C PHE A 50 -10.03 -14.38 -7.18
N TRP A 51 -9.87 -13.15 -7.69
CA TRP A 51 -9.49 -12.94 -9.10
C TRP A 51 -8.12 -12.33 -9.36
N LYS A 52 -7.35 -12.03 -8.32
CA LYS A 52 -6.05 -11.38 -8.46
C LYS A 52 -5.01 -12.13 -7.63
N PRO A 53 -4.00 -12.75 -8.26
CA PRO A 53 -3.04 -13.50 -7.45
C PRO A 53 -2.13 -12.58 -6.65
N MET A 54 -1.71 -13.07 -5.50
CA MET A 54 -0.70 -12.44 -4.66
CA MET A 54 -0.72 -12.35 -4.71
C MET A 54 0.62 -12.39 -5.40
N LEU A 55 1.47 -11.39 -5.11
CA LEU A 55 2.83 -11.38 -5.60
C LEU A 55 3.74 -11.68 -4.40
N LEU A 56 4.61 -12.67 -4.55
CA LEU A 56 5.50 -13.14 -3.48
C LEU A 56 6.93 -13.18 -3.97
N ALA A 57 7.87 -13.29 -3.03
CA ALA A 57 9.26 -13.58 -3.37
C ALA A 57 9.88 -14.32 -2.19
N LYS A 58 10.74 -15.30 -2.48
CA LYS A 58 11.45 -16.05 -1.44
C LYS A 58 12.31 -15.13 -0.58
N VAL A 59 12.21 -15.27 0.74
CA VAL A 59 13.06 -14.54 1.67
C VAL A 59 14.39 -15.28 1.76
N PRO A 60 15.53 -14.59 1.49
CA PRO A 60 16.83 -15.26 1.64
C PRO A 60 17.02 -15.81 3.05
N GLY A 61 17.38 -17.08 3.13
CA GLY A 61 17.67 -17.75 4.40
C GLY A 61 16.48 -18.38 5.13
N GLU A 62 15.24 -18.06 4.72
CA GLU A 62 14.04 -18.51 5.42
C GLU A 62 13.13 -19.29 4.48
N ASP A 63 12.41 -20.26 5.04
CA ASP A 63 11.34 -20.96 4.32
C ASP A 63 10.04 -20.15 4.42
N MET A 64 10.11 -18.91 3.91
CA MET A 64 9.02 -17.94 3.94
CA MET A 64 9.00 -17.99 3.91
C MET A 64 9.08 -17.12 2.67
N TYR A 65 7.94 -16.55 2.30
CA TYR A 65 7.81 -15.67 1.16
C TYR A 65 7.45 -14.26 1.61
N LEU A 66 8.24 -13.28 1.18
CA LEU A 66 7.88 -11.88 1.32
C LEU A 66 6.59 -11.64 0.55
N ILE A 67 5.61 -10.99 1.19
CA ILE A 67 4.47 -10.44 0.47
C ILE A 67 4.96 -9.21 -0.28
N VAL A 68 5.05 -9.31 -1.61
CA VAL A 68 5.43 -8.19 -2.47
C VAL A 68 4.21 -7.28 -2.64
N ASP A 69 3.08 -7.87 -3.01
CA ASP A 69 1.82 -7.18 -3.12
C ASP A 69 0.75 -8.14 -2.66
N GLY A 70 -0.12 -7.67 -1.76
CA GLY A 70 -1.19 -8.52 -1.22
C GLY A 70 -1.37 -8.53 0.28
N HIS A 71 -0.99 -7.46 0.97
CA HIS A 71 -1.14 -7.43 2.44
C HIS A 71 -2.58 -7.57 2.91
N HIS A 72 -3.49 -6.95 2.18
CA HIS A 72 -4.90 -6.92 2.58
C HIS A 72 -5.59 -8.22 2.22
N ARG A 73 -5.29 -8.74 1.03
CA ARG A 73 -5.76 -10.09 0.69
C ARG A 73 -5.28 -11.10 1.74
N TRP A 74 -4.00 -11.03 2.10
CA TRP A 74 -3.43 -11.98 3.09
C TRP A 74 -4.12 -11.85 4.45
N ALA A 75 -4.22 -10.62 4.95
CA ALA A 75 -4.86 -10.40 6.24
C ALA A 75 -6.35 -10.75 6.22
N GLY A 76 -7.03 -10.38 5.13
CA GLY A 76 -8.45 -10.67 4.99
C GLY A 76 -8.76 -12.16 4.90
N LEU A 77 -7.99 -12.86 4.07
CA LEU A 77 -8.12 -14.32 3.99
C LEU A 77 -7.84 -15.00 5.33
N GLN A 78 -6.81 -14.56 6.05
CA GLN A 78 -6.52 -15.14 7.38
C GLN A 78 -7.69 -14.90 8.34
N LYS A 79 -8.26 -13.69 8.31
CA LYS A 79 -9.39 -13.33 9.16
C LYS A 79 -10.62 -14.19 8.85
N LEU A 80 -10.85 -14.47 7.56
CA LEU A 80 -11.95 -15.32 7.11
C LEU A 80 -11.76 -16.79 7.46
N GLY A 81 -10.51 -17.17 7.75
CA GLY A 81 -10.19 -18.55 8.14
C GLY A 81 -9.67 -19.38 6.99
N ALA A 82 -9.35 -18.77 5.85
CA ALA A 82 -8.74 -19.48 4.74
C ALA A 82 -7.30 -19.90 5.07
N LYS A 83 -6.79 -20.82 4.26
N LYS A 83 -6.72 -20.78 4.27
CA LYS A 83 -5.49 -21.47 4.44
CA LYS A 83 -5.37 -21.28 4.56
C LYS A 83 -4.44 -20.97 3.45
C LYS A 83 -4.36 -21.01 3.45
N ARG A 84 -4.87 -20.71 2.21
N ARG A 84 -4.82 -20.67 2.25
CA ARG A 84 -3.94 -20.51 1.10
CA ARG A 84 -3.91 -20.47 1.13
C ARG A 84 -4.43 -19.41 0.18
C ARG A 84 -4.44 -19.42 0.17
N ALA A 85 -3.54 -18.91 -0.68
CA ALA A 85 -3.91 -17.94 -1.70
C ALA A 85 -3.19 -18.25 -3.00
N PRO A 86 -3.88 -18.04 -4.15
CA PRO A 86 -3.20 -18.08 -5.44
C PRO A 86 -2.13 -17.01 -5.50
N SER A 87 -0.93 -17.41 -5.89
CA SER A 87 0.25 -16.57 -5.81
C SER A 87 1.12 -16.71 -7.05
N VAL A 88 1.90 -15.66 -7.29
CA VAL A 88 2.97 -15.67 -8.28
C VAL A 88 4.26 -15.46 -7.50
N ILE A 89 5.20 -16.39 -7.65
CA ILE A 89 6.52 -16.28 -7.00
C ILE A 89 7.49 -15.58 -7.95
N LEU A 90 7.94 -14.40 -7.54
CA LEU A 90 8.82 -13.55 -8.35
C LEU A 90 10.26 -13.69 -7.90
N ASP A 91 11.18 -13.20 -8.73
CA ASP A 91 12.59 -13.11 -8.41
C ASP A 91 12.82 -11.68 -7.91
N TYR A 92 12.88 -11.49 -6.60
CA TYR A 92 12.86 -10.13 -6.03
C TYR A 92 13.98 -9.22 -6.52
N PHE A 93 15.19 -9.76 -6.65
CA PHE A 93 16.33 -8.93 -7.07
C PHE A 93 16.59 -8.93 -8.58
N SER A 94 15.62 -9.42 -9.34
CA SER A 94 15.59 -9.24 -10.78
C SER A 94 15.34 -7.79 -11.14
N ASP A 95 15.94 -7.36 -12.23
CA ASP A 95 15.68 -6.03 -12.76
C ASP A 95 14.27 -5.88 -13.32
N ASP A 96 13.56 -7.00 -13.50
CA ASP A 96 12.12 -6.97 -13.82
C ASP A 96 11.18 -6.79 -12.63
N VAL A 97 11.71 -6.57 -11.43
CA VAL A 97 10.91 -6.07 -10.32
C VAL A 97 11.48 -4.69 -9.96
N LYS A 98 10.66 -3.67 -10.16
CA LYS A 98 11.02 -2.31 -9.76
C LYS A 98 10.11 -1.90 -8.62
N VAL A 99 10.57 -0.93 -7.81
CA VAL A 99 9.74 -0.46 -6.71
C VAL A 99 9.70 1.06 -6.64
N TYR A 100 8.51 1.57 -6.43
CA TYR A 100 8.23 2.99 -6.24
C TYR A 100 7.40 3.08 -4.96
N THR A 101 6.51 4.06 -4.83
CA THR A 101 5.68 4.19 -3.64
C THR A 101 4.25 4.56 -4.01
N TRP A 102 3.38 4.57 -3.00
CA TRP A 102 2.03 5.08 -3.08
C TRP A 102 1.98 6.31 -2.19
N TYR A 103 1.34 7.36 -2.68
CA TYR A 103 1.19 8.62 -1.95
C TYR A 103 -0.20 8.69 -1.32
N PRO A 104 -0.29 8.76 0.03
CA PRO A 104 -1.60 8.98 0.63
C PRO A 104 -2.14 10.33 0.22
N ALA A 105 -3.44 10.44 0.03
CA ALA A 105 -4.09 11.69 -0.35
C ALA A 105 -5.48 11.73 0.23
N PHE A 106 -6.04 12.92 0.37
CA PHE A 106 -7.39 13.04 0.89
C PHE A 106 -8.20 14.13 0.25
N LYS A 107 -9.51 13.88 0.23
CA LYS A 107 -10.52 14.91 0.04
C LYS A 107 -11.09 15.15 1.44
N GLY A 108 -10.95 16.38 1.92
CA GLY A 108 -11.44 16.77 3.24
C GLY A 108 -10.78 18.04 3.74
N ASP A 109 -11.01 18.36 5.01
CA ASP A 109 -10.58 19.63 5.56
C ASP A 109 -9.13 19.57 6.06
N LEU A 110 -8.26 20.36 5.44
CA LEU A 110 -6.85 20.46 5.85
C LEU A 110 -6.69 20.72 7.34
N ASN A 111 -7.36 21.75 7.85
CA ASN A 111 -7.18 22.13 9.25
C ASN A 111 -7.52 21.00 10.23
N GLU A 112 -8.59 20.25 9.93
CA GLU A 112 -8.97 19.10 10.74
C GLU A 112 -7.89 18.00 10.72
N VAL A 113 -7.36 17.72 9.53
CA VAL A 113 -6.28 16.73 9.38
C VAL A 113 -5.04 17.21 10.15
N VAL A 114 -4.65 18.47 9.96
CA VAL A 114 -3.47 19.02 10.66
C VAL A 114 -3.62 18.94 12.18
N GLU A 115 -4.78 19.31 12.70
CA GLU A 115 -5.11 19.23 14.14
CA GLU A 115 -4.98 19.26 14.14
C GLU A 115 -4.92 17.82 14.67
N ARG A 116 -5.44 16.84 13.91
CA ARG A 116 -5.32 15.43 14.30
C ARG A 116 -3.87 14.93 14.23
N LEU A 117 -3.12 15.36 13.21
CA LEU A 117 -1.70 15.04 13.13
C LEU A 117 -0.93 15.60 14.33
N LYS A 118 -1.20 16.86 14.68
CA LYS A 118 -0.55 17.48 15.83
C LYS A 118 -0.94 16.80 17.15
N LYS A 119 -2.19 16.36 17.27
CA LYS A 119 -2.61 15.64 18.49
C LYS A 119 -1.85 14.33 18.65
N GLU A 120 -1.55 13.68 17.52
CA GLU A 120 -0.72 12.48 17.49
C GLU A 120 0.75 12.73 17.87
N GLY A 121 1.15 14.00 18.01
CA GLY A 121 2.51 14.37 18.40
C GLY A 121 3.41 14.76 17.25
N LEU A 122 2.87 14.80 16.02
CA LEU A 122 3.64 15.18 14.86
C LEU A 122 3.81 16.68 14.78
N GLU A 123 4.88 17.10 14.12
CA GLU A 123 5.05 18.50 13.73
C GLU A 123 4.56 18.66 12.30
N VAL A 124 3.88 19.78 12.04
CA VAL A 124 3.38 20.10 10.70
C VAL A 124 3.76 21.55 10.46
N ILE A 125 4.82 21.74 9.66
CA ILE A 125 5.51 23.03 9.58
C ILE A 125 5.37 23.57 8.18
N GLU A 126 4.77 24.76 8.05
CA GLU A 126 4.64 25.36 6.73
C GLU A 126 6.03 25.61 6.16
N ASP A 127 6.25 25.17 4.92
CA ASP A 127 7.60 25.03 4.39
C ASP A 127 7.51 24.88 2.88
N PRO A 128 7.91 25.91 2.12
CA PRO A 128 7.77 25.82 0.66
C PRO A 128 8.67 24.77 -0.01
N GLU A 129 9.69 24.28 0.69
CA GLU A 129 10.57 23.24 0.14
C GLU A 129 10.27 21.85 0.67
N ALA A 130 9.11 21.67 1.31
CA ALA A 130 8.73 20.36 1.86
C ALA A 130 8.77 19.24 0.82
N GLU A 131 8.23 19.48 -0.37
CA GLU A 131 8.13 18.43 -1.38
C GLU A 131 9.49 17.86 -1.75
N GLU A 132 10.45 18.75 -2.05
CA GLU A 132 11.79 18.27 -2.41
C GLU A 132 12.53 17.67 -1.23
N LYS A 133 12.33 18.19 -0.02
CA LYS A 133 12.87 17.54 1.17
C LYS A 133 12.34 16.10 1.30
N ALA A 134 11.05 15.92 1.05
CA ALA A 134 10.44 14.59 1.14
C ALA A 134 10.99 13.67 0.06
N GLU A 135 11.14 14.18 -1.17
CA GLU A 135 11.70 13.36 -2.25
C GLU A 135 13.13 12.92 -1.95
N ARG A 136 13.88 13.74 -1.21
CA ARG A 136 15.24 13.39 -0.77
C ARG A 136 15.29 12.51 0.50
N GLY A 137 14.14 12.21 1.09
CA GLY A 137 14.06 11.36 2.27
C GLY A 137 14.45 12.05 3.57
N GLU A 138 14.42 13.37 3.58
CA GLU A 138 14.88 14.17 4.73
C GLU A 138 13.80 14.36 5.79
N ILE A 139 12.54 14.19 5.40
CA ILE A 139 11.39 14.30 6.29
C ILE A 139 10.47 13.11 6.05
N ALA A 140 9.51 12.90 6.94
CA ALA A 140 8.61 11.74 6.86
C ALA A 140 7.66 11.89 5.67
N PHE A 141 7.03 13.05 5.55
CA PHE A 141 6.13 13.35 4.45
C PHE A 141 6.12 14.86 4.21
N ALA A 142 5.89 15.24 2.96
CA ALA A 142 5.45 16.60 2.61
C ALA A 142 3.94 16.54 2.40
N LEU A 143 3.21 17.42 3.07
CA LEU A 143 1.77 17.56 2.89
C LEU A 143 1.53 18.73 1.98
N VAL A 144 1.13 18.47 0.74
CA VAL A 144 1.13 19.48 -0.30
C VAL A 144 -0.19 19.55 -1.06
N GLY A 145 -0.62 20.79 -1.28
CA GLY A 145 -1.77 21.09 -2.11
C GLY A 145 -1.72 22.58 -2.38
N GLU A 146 -2.76 23.31 -1.95
CA GLU A 146 -2.73 24.77 -2.03
C GLU A 146 -1.55 25.29 -1.20
N LYS A 147 -1.41 24.73 0.00
CA LYS A 147 -0.32 25.04 0.91
C LYS A 147 0.67 23.88 0.95
N SER A 148 1.81 24.11 1.59
CA SER A 148 2.91 23.15 1.65
C SER A 148 3.46 23.04 3.05
N PHE A 149 3.45 21.84 3.62
CA PHE A 149 3.96 21.60 4.97
C PHE A 149 4.93 20.44 4.99
N ALA A 150 5.97 20.57 5.82
CA ALA A 150 6.87 19.48 6.14
C ALA A 150 6.40 18.79 7.41
N ILE A 151 6.40 17.46 7.39
CA ILE A 151 6.22 16.64 8.60
C ILE A 151 7.57 15.97 8.85
N PRO A 152 8.38 16.53 9.79
CA PRO A 152 9.70 15.98 10.08
C PRO A 152 9.63 14.54 10.56
N GLY A 153 10.75 13.84 10.38
CA GLY A 153 10.93 12.52 10.96
C GLY A 153 11.24 11.46 9.94
N GLY A 154 10.91 10.23 10.30
CA GLY A 154 11.19 9.06 9.48
C GLY A 154 10.08 8.05 9.62
N LEU A 155 10.46 6.79 9.74
CA LEU A 155 9.50 5.69 9.69
C LEU A 155 8.39 5.81 10.74
N GLU A 156 8.78 6.09 11.97
CA GLU A 156 7.81 6.19 13.06
C GLU A 156 6.78 7.28 12.77
N GLU A 157 7.25 8.39 12.22
CA GLU A 157 6.37 9.50 11.89
C GLU A 157 5.48 9.18 10.71
N GLN A 158 6.00 8.45 9.72
CA GLN A 158 5.17 7.97 8.63
C GLN A 158 4.03 7.07 9.12
N LYS A 159 4.32 6.23 10.11
CA LYS A 159 3.28 5.41 10.72
C LYS A 159 2.23 6.25 11.47
N LYS A 160 2.67 7.28 12.19
CA LYS A 160 1.72 8.12 12.92
C LYS A 160 0.81 8.88 11.95
N VAL A 161 1.40 9.40 10.87
CA VAL A 161 0.59 10.06 9.84
C VAL A 161 -0.45 9.08 9.26
N SER A 162 0.00 7.88 8.91
CA SER A 162 -0.85 6.90 8.26
C SER A 162 -1.99 6.47 9.18
N LYS A 163 -1.70 6.35 10.48
CA LYS A 163 -2.70 5.99 11.49
C LYS A 163 -3.80 7.06 11.60
N VAL A 164 -3.40 8.32 11.63
CA VAL A 164 -4.37 9.41 11.66
C VAL A 164 -5.28 9.36 10.43
N LEU A 165 -4.69 9.17 9.24
CA LEU A 165 -5.49 9.12 8.02
C LEU A 165 -6.43 7.92 8.02
N ASP A 166 -5.94 6.77 8.50
CA ASP A 166 -6.77 5.57 8.64
C ASP A 166 -7.98 5.84 9.53
N GLU A 167 -7.73 6.43 10.69
CA GLU A 167 -8.81 6.74 11.62
C GLU A 167 -9.82 7.73 11.05
N MET A 168 -9.31 8.80 10.43
CA MET A 168 -10.20 9.80 9.85
C MET A 168 -11.02 9.24 8.69
N SER A 169 -10.43 8.32 7.94
CA SER A 169 -11.12 7.60 6.87
CA SER A 169 -11.16 7.64 6.86
C SER A 169 -12.26 6.74 7.43
N VAL A 170 -11.95 5.98 8.46
CA VAL A 170 -12.97 5.12 9.11
C VAL A 170 -14.09 5.95 9.71
N GLU A 171 -13.73 7.10 10.30
CA GLU A 171 -14.72 8.03 10.86
C GLU A 171 -15.56 8.77 9.80
N GLY A 172 -15.17 8.70 8.53
CA GLY A 172 -15.89 9.38 7.44
C GLY A 172 -15.53 10.84 7.27
N LYS A 173 -14.53 11.33 7.99
CA LYS A 173 -14.13 12.73 7.93
C LYS A 173 -13.39 13.05 6.64
N ILE A 174 -12.67 12.07 6.08
CA ILE A 174 -11.98 12.24 4.82
C ILE A 174 -12.24 11.07 3.90
N GLU A 175 -12.05 11.32 2.60
CA GLU A 175 -11.92 10.25 1.62
CA GLU A 175 -11.92 10.24 1.62
C GLU A 175 -10.42 10.03 1.44
N LEU A 176 -9.95 8.83 1.74
CA LEU A 176 -8.53 8.47 1.67
C LEU A 176 -8.29 7.69 0.40
N ILE A 177 -7.38 8.20 -0.44
CA ILE A 177 -7.03 7.58 -1.72
C ILE A 177 -5.50 7.54 -1.81
N TYR A 178 -4.96 6.44 -2.34
CA TYR A 178 -3.52 6.30 -2.52
C TYR A 178 -3.18 6.40 -4.01
N TYR A 179 -2.25 7.28 -4.36
CA TYR A 179 -1.83 7.51 -5.76
C TYR A 179 -0.47 6.92 -6.04
N GLY A 180 -0.34 6.21 -7.16
CA GLY A 180 0.96 5.76 -7.62
C GLY A 180 1.88 6.86 -8.11
N LEU A 181 1.31 7.91 -8.70
CA LEU A 181 2.09 9.03 -9.28
C LEU A 181 1.59 10.33 -8.70
N LYS A 182 2.51 11.15 -8.18
CA LYS A 182 2.12 12.43 -7.59
C LYS A 182 1.52 13.39 -8.62
N GLU A 183 1.97 13.28 -9.87
CA GLU A 183 1.39 14.10 -10.93
C GLU A 183 -0.10 13.80 -11.17
N ASP A 184 -0.51 12.53 -10.97
CA ASP A 184 -1.93 12.20 -11.05
C ASP A 184 -2.71 12.82 -9.90
N ALA A 185 -2.11 12.81 -8.71
CA ALA A 185 -2.71 13.48 -7.55
C ALA A 185 -2.89 14.97 -7.84
N ARG A 186 -1.86 15.61 -8.38
CA ARG A 186 -1.94 17.04 -8.76
C ARG A 186 -3.04 17.29 -9.80
N GLU A 187 -3.14 16.42 -10.80
CA GLU A 187 -4.19 16.55 -11.82
C GLU A 187 -5.59 16.45 -11.20
N ASP A 188 -5.79 15.49 -10.30
CA ASP A 188 -7.09 15.32 -9.62
C ASP A 188 -7.38 16.44 -8.63
N MET A 189 -6.33 17.03 -8.07
N MET A 189 -6.33 17.02 -8.04
CA MET A 189 -6.45 18.19 -7.20
CA MET A 189 -6.43 18.22 -7.21
C MET A 189 -7.04 19.38 -7.95
C MET A 189 -7.06 19.37 -7.96
N ALA A 190 -6.56 19.61 -9.17
CA ALA A 190 -7.09 20.67 -10.05
C ALA A 190 -8.55 20.46 -10.47
N LYS A 191 -8.99 19.21 -10.51
CA LYS A 191 -10.39 18.86 -10.78
C LYS A 191 -11.29 18.87 -9.53
N GLY A 192 -10.72 19.14 -8.35
CA GLY A 192 -11.48 19.10 -7.09
C GLY A 192 -11.73 17.71 -6.51
N GLU A 193 -11.09 16.69 -7.06
CA GLU A 193 -11.29 15.30 -6.65
C GLU A 193 -10.55 14.96 -5.34
N ILE A 194 -9.42 15.63 -5.12
CA ILE A 194 -8.75 15.59 -3.81
C ILE A 194 -8.28 16.98 -3.44
N ASP A 195 -7.89 17.16 -2.19
CA ASP A 195 -7.37 18.44 -1.69
C ASP A 195 -5.85 18.42 -1.43
N TYR A 196 -5.34 17.34 -0.84
CA TYR A 196 -3.94 17.26 -0.42
C TYR A 196 -3.37 15.88 -0.70
N VAL A 197 -2.07 15.86 -0.97
CA VAL A 197 -1.33 14.61 -1.14
C VAL A 197 -0.12 14.64 -0.22
N PHE A 198 0.29 13.48 0.26
CA PHE A 198 1.46 13.31 1.12
C PHE A 198 2.57 12.68 0.29
N ILE A 199 3.67 13.40 0.11
CA ILE A 199 4.80 12.95 -0.71
C ILE A 199 5.87 12.34 0.19
N ARG A 200 6.40 11.20 -0.22
CA ARG A 200 7.51 10.52 0.47
C ARG A 200 8.45 9.91 -0.56
N LYS A 201 9.71 9.79 -0.19
N LYS A 201 9.72 9.76 -0.18
CA LYS A 201 10.69 9.04 -0.97
CA LYS A 201 10.70 9.07 -1.00
C LYS A 201 10.29 7.58 -0.98
C LYS A 201 10.41 7.57 -0.95
N ALA A 202 10.52 6.91 -2.11
CA ALA A 202 10.25 5.48 -2.20
C ALA A 202 11.35 4.69 -1.51
N PRO A 203 11.02 3.50 -0.99
CA PRO A 203 12.03 2.60 -0.48
C PRO A 203 12.78 1.96 -1.64
N THR A 204 13.94 1.38 -1.36
CA THR A 204 14.61 0.49 -2.32
C THR A 204 14.33 -0.98 -1.96
N LYS A 205 14.51 -1.85 -2.93
CA LYS A 205 14.30 -3.29 -2.72
C LYS A 205 15.23 -3.85 -1.64
N GLU A 206 16.47 -3.38 -1.64
CA GLU A 206 17.42 -3.83 -0.61
C GLU A 206 16.94 -3.39 0.78
N GLU A 207 16.41 -2.18 0.91
CA GLU A 207 15.83 -1.70 2.18
C GLU A 207 14.61 -2.52 2.61
N VAL A 208 13.77 -2.90 1.66
CA VAL A 208 12.57 -3.69 1.97
C VAL A 208 12.96 -5.04 2.57
N MET A 209 13.86 -5.76 1.91
CA MET A 209 14.26 -7.08 2.39
C MET A 209 15.02 -6.97 3.71
N GLU A 210 15.91 -5.99 3.81
CA GLU A 210 16.60 -5.67 5.08
C GLU A 210 15.61 -5.47 6.24
N LEU A 211 14.56 -4.69 6.00
N LEU A 211 14.55 -4.69 6.00
CA LEU A 211 13.52 -4.42 7.00
CA LEU A 211 13.51 -4.43 7.01
C LEU A 211 12.71 -5.66 7.36
C LEU A 211 12.74 -5.70 7.37
N VAL A 212 12.37 -6.47 6.37
CA VAL A 212 11.67 -7.74 6.57
C VAL A 212 12.50 -8.71 7.40
N LYS A 213 13.81 -8.78 7.13
CA LYS A 213 14.72 -9.65 7.87
C LYS A 213 14.87 -9.23 9.35
N ARG A 214 14.75 -7.94 9.64
CA ARG A 214 14.74 -7.43 11.02
C ARG A 214 13.39 -7.60 11.74
N GLY A 215 12.37 -8.12 11.05
CA GLY A 215 11.04 -8.30 11.61
C GLY A 215 10.24 -7.02 11.78
N GLU A 216 10.61 -5.98 11.03
CA GLU A 216 9.93 -4.69 11.08
C GLU A 216 8.95 -4.58 9.91
N VAL A 217 8.06 -3.60 10.00
CA VAL A 217 7.13 -3.28 8.90
C VAL A 217 7.12 -1.77 8.64
N TYR A 218 6.86 -1.41 7.40
CA TYR A 218 6.67 -0.03 7.00
C TYR A 218 5.22 0.43 7.28
N SER A 219 4.98 1.73 7.14
CA SER A 219 3.61 2.24 7.12
C SER A 219 2.89 1.71 5.86
N PRO A 220 1.54 1.79 5.85
CA PRO A 220 0.81 1.19 4.72
C PRO A 220 1.23 1.75 3.36
N LYS A 221 1.22 0.87 2.36
CA LYS A 221 1.40 1.25 0.96
C LYS A 221 2.74 1.91 0.65
N THR A 222 3.74 1.63 1.48
CA THR A 222 5.08 2.17 1.27
C THR A 222 5.67 1.69 -0.06
N THR A 223 5.55 0.41 -0.36
CA THR A 223 6.07 -0.13 -1.61
C THR A 223 5.00 -0.18 -2.69
N ARG A 224 5.39 0.24 -3.89
CA ARG A 224 4.57 0.05 -5.08
C ARG A 224 5.45 -0.69 -6.08
N HIS A 225 5.33 -2.01 -6.12
CA HIS A 225 6.13 -2.83 -7.01
C HIS A 225 5.55 -2.88 -8.40
N VAL A 226 6.44 -2.83 -9.38
CA VAL A 226 6.10 -2.74 -10.79
CA VAL A 226 5.99 -2.86 -10.76
C VAL A 226 6.81 -3.88 -11.54
N LEU A 227 6.06 -4.69 -12.28
CA LEU A 227 6.60 -5.73 -13.15
C LEU A 227 6.39 -5.27 -14.58
N PRO A 228 6.92 -6.02 -15.57
CA PRO A 228 6.64 -5.66 -16.97
C PRO A 228 5.18 -5.88 -17.42
N PHE A 229 4.36 -6.46 -16.55
CA PHE A 229 2.98 -6.78 -16.87
C PHE A 229 2.17 -6.76 -15.58
N ASN A 230 0.84 -6.79 -15.71
CA ASN A 230 -0.04 -7.23 -14.60
C ASN A 230 -0.55 -8.61 -14.93
N PRO A 231 -0.55 -9.54 -13.96
CA PRO A 231 -1.14 -10.85 -14.23
C PRO A 231 -2.57 -10.72 -14.71
N ASP A 232 -2.95 -11.54 -15.67
CA ASP A 232 -4.35 -11.60 -16.08
C ASP A 232 -5.20 -12.04 -14.91
N LYS A 233 -6.49 -11.76 -15.00
CA LYS A 233 -7.48 -12.18 -14.02
C LYS A 233 -7.45 -13.70 -13.90
N ILE A 234 -7.61 -14.21 -12.68
CA ILE A 234 -7.75 -15.64 -12.43
C ILE A 234 -9.15 -15.88 -11.90
N ASP A 235 -9.56 -17.14 -11.88
CA ASP A 235 -10.94 -17.46 -11.49
C ASP A 235 -10.88 -18.61 -10.50
N VAL A 236 -10.78 -18.23 -9.23
CA VAL A 236 -10.62 -19.15 -8.13
C VAL A 236 -11.76 -18.90 -7.16
N LYS A 237 -12.49 -19.95 -6.82
CA LYS A 237 -13.58 -19.84 -5.87
C LYS A 237 -13.01 -19.61 -4.48
N LEU A 238 -13.63 -18.71 -3.72
CA LEU A 238 -13.20 -18.48 -2.33
C LEU A 238 -13.17 -19.79 -1.54
N GLU A 239 -14.13 -20.69 -1.77
CA GLU A 239 -14.13 -21.96 -1.04
C GLU A 239 -12.87 -22.82 -1.29
N GLU A 240 -12.23 -22.65 -2.44
CA GLU A 240 -10.98 -23.37 -2.75
C GLU A 240 -9.78 -22.93 -1.91
N LEU A 241 -9.92 -21.84 -1.15
CA LEU A 241 -8.82 -21.30 -0.37
C LEU A 241 -8.72 -21.84 1.05
N PHE A 242 -9.65 -22.70 1.43
N PHE A 242 -9.65 -22.71 1.44
CA PHE A 242 -9.64 -23.39 2.72
CA PHE A 242 -9.73 -23.22 2.81
C PHE A 242 -9.04 -24.78 2.56
C PHE A 242 -9.07 -24.58 2.97
P AMP B . -3.72 -5.92 -1.30
O1P AMP B . -4.28 -7.32 -1.12
O2P AMP B . -2.98 -5.42 -0.07
O3P AMP B . -2.93 -5.80 -2.58
O5' AMP B . -4.97 -4.94 -1.43
C5' AMP B . -6.28 -5.40 -1.77
C4' AMP B . -6.28 -5.98 -3.18
O4' AMP B . -7.39 -6.84 -3.31
C3' AMP B . -6.45 -4.99 -4.34
O3' AMP B . -5.42 -5.21 -5.30
C2' AMP B . -7.81 -5.29 -4.99
O2' AMP B . -7.83 -5.06 -6.40
C1' AMP B . -7.90 -6.73 -4.62
N9 AMP B . -9.22 -7.37 -4.67
C8 AMP B . -10.43 -6.80 -4.50
N7 AMP B . -11.43 -7.73 -4.58
C5 AMP B . -10.82 -8.91 -4.80
C6 AMP B . -11.27 -10.30 -4.99
N6 AMP B . -12.59 -10.60 -4.96
N1 AMP B . -10.31 -11.23 -5.19
C2 AMP B . -8.99 -10.95 -5.22
N3 AMP B . -8.51 -9.70 -5.06
C4 AMP B . -9.38 -8.67 -4.85
N SEP C . 3.12 -3.72 -1.67
CA SEP C . 1.99 -3.28 -2.53
CB SEP C . 1.24 -2.15 -1.83
OG SEP C . 0.77 -2.61 -0.56
C SEP C . 2.49 -2.89 -3.90
O SEP C . 1.77 -2.20 -4.65
OXT SEP C . 3.61 -3.27 -4.29
P SEP C . -0.42 -3.70 -0.46
O1P SEP C . -1.27 -3.49 -1.70
O2P SEP C . -1.10 -3.29 0.82
O3P SEP C . 0.27 -5.04 -0.38
MG MG D . -1.93 -4.22 -3.42
#